data_3O8M
#
_entry.id   3O8M
#
_cell.length_a   64.575
_cell.length_b   75.599
_cell.length_c   103.857
_cell.angle_alpha   90.00
_cell.angle_beta   90.00
_cell.angle_gamma   90.00
#
_symmetry.space_group_name_H-M   'P 21 21 21'
#
loop_
_entity.id
_entity.type
_entity.pdbx_description
1 polymer Hexokinase
2 non-polymer alpha-D-glucopyranose
3 non-polymer beta-D-glucopyranose
4 non-polymer 'CHLORIDE ION'
5 water water
#
_entity_poly.entity_id   1
_entity_poly.type   'polypeptide(L)'
_entity_poly.pdbx_seq_one_letter_code
;MVRLGPKKPPARKGSMADVPANLMEQIHGLETLFTVSSEKMRSIVKHFISELDKGLSKKGGNIPMIPGWVVEYPTGKETG
DFLALDLGGTNLRVVLVKLGGNHDFDTTQNKYRLPDHLRTGTSEQLWSFIAKCLKEFVDEWYPDGVSEPLPLGFTFSYPA
SQKKINSGVLQRWTKGFDIEGVEGHDVVPMLQEQIEKLNIPINVVALINDTTGTLVASLYTDPQTKMGIIIGTGVNGAYY
DVVSGIEKLEGLLPEDIGPDSPMAINCEYGSFDNEHLVLPRTKYDVIIDEESPRPGQQAFEKMTSGYYLGEIMRLVLLDL
YDSGFIFKDQDISKLKEAYVMDTSYPSKIEDDPFENLEDTDDLFKTNLNIETTVVERKLIRKLAELVGTRAARLTVCGVS
AICDKRGYKTAHIAADGSVFNRYPGYKEKAAQALKDIYNWDVEKMEDHPIQLVAAEDGSGVGAAIIACLTQKRLAAGKSV
GIKGE
;
_entity_poly.pdbx_strand_id   A
#
# COMPACT_ATOMS: atom_id res chain seq x y z
N GLY A 14 -30.85 -1.79 -4.85
CA GLY A 14 -31.89 -1.21 -3.92
C GLY A 14 -32.55 -2.31 -3.12
N SER A 15 -33.57 -2.92 -3.79
CA SER A 15 -34.71 -3.68 -3.25
C SER A 15 -34.54 -5.23 -3.24
N MET A 16 -35.16 -5.83 -2.21
CA MET A 16 -34.85 -7.19 -1.72
C MET A 16 -36.16 -7.92 -1.39
N ALA A 17 -37.27 -7.48 -1.98
CA ALA A 17 -38.57 -8.09 -1.62
C ALA A 17 -38.64 -9.60 -1.83
N ASP A 18 -37.90 -10.07 -2.85
CA ASP A 18 -37.91 -11.46 -3.34
C ASP A 18 -36.99 -12.38 -2.50
N VAL A 19 -36.21 -11.78 -1.63
CA VAL A 19 -35.22 -12.57 -0.82
C VAL A 19 -35.97 -13.19 0.39
N PRO A 20 -35.93 -14.54 0.50
CA PRO A 20 -36.64 -15.15 1.64
C PRO A 20 -36.07 -14.68 3.03
N ALA A 21 -36.94 -14.66 4.05
CA ALA A 21 -36.58 -14.27 5.43
C ALA A 21 -35.37 -15.00 5.98
N ASN A 22 -35.25 -16.27 5.68
CA ASN A 22 -34.10 -17.11 6.07
C ASN A 22 -32.79 -16.64 5.52
N LEU A 23 -32.75 -16.20 4.24
CA LEU A 23 -31.56 -15.59 3.72
C LEU A 23 -31.37 -14.14 4.13
N MET A 24 -32.48 -13.39 4.28
CA MET A 24 -32.35 -12.01 4.82
C MET A 24 -31.72 -11.95 6.19
N GLU A 25 -32.04 -12.93 7.03
CA GLU A 25 -31.38 -13.06 8.35
C GLU A 25 -29.90 -13.19 8.20
N GLN A 26 -29.42 -13.98 7.25
CA GLN A 26 -27.95 -14.08 7.01
C GLN A 26 -27.37 -12.81 6.49
N ILE A 27 -28.07 -12.10 5.61
CA ILE A 27 -27.58 -10.85 5.13
C ILE A 27 -27.52 -9.83 6.26
N HIS A 28 -28.55 -9.80 7.10
CA HIS A 28 -28.54 -8.87 8.24
C HIS A 28 -27.38 -9.22 9.22
N GLY A 29 -27.08 -10.49 9.44
CA GLY A 29 -25.96 -10.87 10.30
C GLY A 29 -24.65 -10.40 9.71
N LEU A 30 -24.45 -10.52 8.40
CA LEU A 30 -23.22 -10.04 7.79
C LEU A 30 -23.14 -8.51 7.80
N GLU A 31 -24.29 -7.82 7.68
CA GLU A 31 -24.25 -6.35 7.72
C GLU A 31 -23.78 -5.96 9.08
N THR A 32 -24.33 -6.60 10.12
CA THR A 32 -23.90 -6.30 11.49
C THR A 32 -22.45 -6.55 11.69
N LEU A 33 -21.95 -7.69 11.22
CA LEU A 33 -20.57 -8.12 11.38
C LEU A 33 -19.58 -7.18 10.66
N PHE A 34 -19.95 -6.61 9.51
CA PHE A 34 -19.02 -5.81 8.71
C PHE A 34 -19.20 -4.31 8.83
N THR A 35 -20.24 -3.84 9.50
CA THR A 35 -20.49 -2.37 9.57
C THR A 35 -19.60 -1.76 10.62
N VAL A 36 -18.98 -0.62 10.28
CA VAL A 36 -18.13 0.13 11.24
C VAL A 36 -18.81 1.48 11.48
N SER A 37 -19.21 1.72 12.72
CA SER A 37 -19.88 2.97 13.06
C SER A 37 -18.86 4.14 13.15
N SER A 38 -19.35 5.36 13.02
CA SER A 38 -18.45 6.52 13.13
C SER A 38 -17.72 6.52 14.47
N GLU A 39 -18.44 6.13 15.56
CA GLU A 39 -17.84 6.05 16.85
C GLU A 39 -16.75 4.96 16.90
N LYS A 40 -17.00 3.82 16.23
CA LYS A 40 -15.96 2.79 16.16
C LYS A 40 -14.70 3.31 15.43
N MET A 41 -14.88 4.11 14.39
CA MET A 41 -13.67 4.67 13.75
C MET A 41 -12.95 5.60 14.71
N ARG A 42 -13.70 6.43 15.46
CA ARG A 42 -12.98 7.32 16.36
C ARG A 42 -12.19 6.55 17.44
N SER A 43 -12.76 5.47 17.99
CA SER A 43 -12.04 4.68 18.98
C SER A 43 -10.88 3.92 18.38
N ILE A 44 -11.00 3.42 17.18
CA ILE A 44 -9.84 2.79 16.49
C ILE A 44 -8.75 3.87 16.36
N VAL A 45 -9.11 5.07 15.89
CA VAL A 45 -8.13 6.16 15.66
C VAL A 45 -7.36 6.49 16.96
N LYS A 46 -8.09 6.55 18.11
CA LYS A 46 -7.41 6.81 19.39
C LYS A 46 -6.31 5.77 19.60
N HIS A 47 -6.67 4.50 19.45
CA HIS A 47 -5.66 3.43 19.69
C HIS A 47 -4.50 3.41 18.61
N PHE A 48 -4.88 3.78 17.38
CA PHE A 48 -3.91 3.88 16.27
C PHE A 48 -2.89 4.98 16.60
N ILE A 49 -3.33 6.15 17.16
CA ILE A 49 -2.36 7.20 17.51
C ILE A 49 -1.35 6.70 18.56
N SER A 50 -1.86 6.03 19.58
CA SER A 50 -1.00 5.44 20.61
C SER A 50 0.04 4.46 20.03
N GLU A 51 -0.40 3.63 19.07
CA GLU A 51 0.52 2.66 18.39
C GLU A 51 1.55 3.32 17.42
N LEU A 52 1.17 4.43 16.78
CA LEU A 52 2.11 5.24 15.98
C LEU A 52 3.17 5.85 16.86
N ASP A 53 2.72 6.42 17.95
CA ASP A 53 3.68 6.99 18.88
C ASP A 53 4.58 5.85 19.49
N LYS A 54 4.03 4.69 19.82
CA LYS A 54 4.83 3.60 20.40
C LYS A 54 5.91 3.16 19.37
N GLY A 55 5.59 3.17 18.10
CA GLY A 55 6.59 2.76 17.13
C GLY A 55 7.77 3.66 16.96
N LEU A 56 7.63 4.94 17.41
CA LEU A 56 8.71 5.93 17.38
C LEU A 56 9.53 5.94 18.67
N SER A 57 9.03 5.22 19.67
CA SER A 57 9.62 5.20 21.01
C SER A 57 10.91 4.39 21.05
N LYS A 58 11.63 4.64 22.14
CA LYS A 58 12.89 3.97 22.35
C LYS A 58 12.71 2.43 22.34
N LYS A 59 11.70 1.96 23.07
CA LYS A 59 11.48 0.53 23.13
C LYS A 59 10.76 0.01 21.91
N GLY A 60 10.17 0.88 21.08
CA GLY A 60 9.47 0.46 19.89
C GLY A 60 8.10 -0.15 20.15
N GLY A 61 7.49 -0.63 19.06
CA GLY A 61 6.20 -1.25 19.17
C GLY A 61 5.93 -2.09 17.96
N ASN A 62 4.70 -2.52 17.85
CA ASN A 62 4.34 -3.37 16.70
C ASN A 62 4.44 -2.60 15.34
N ILE A 63 4.08 -1.32 15.32
CA ILE A 63 4.11 -0.57 14.04
C ILE A 63 5.58 -0.12 13.78
N PRO A 64 6.19 -0.50 12.63
CA PRO A 64 7.62 -0.22 12.45
C PRO A 64 8.07 1.28 12.48
N MET A 65 7.27 2.19 11.97
CA MET A 65 7.61 3.62 11.92
C MET A 65 9.08 3.87 11.52
N ILE A 66 9.35 3.55 10.25
CA ILE A 66 10.77 3.45 9.80
C ILE A 66 11.20 4.84 9.16
N PRO A 67 12.26 5.49 9.72
CA PRO A 67 12.74 6.73 9.11
C PRO A 67 13.22 6.47 7.74
N GLY A 68 12.88 7.36 6.80
CA GLY A 68 13.31 7.15 5.41
C GLY A 68 14.45 8.06 4.94
N TRP A 69 15.03 8.85 5.85
CA TRP A 69 16.23 9.68 5.52
C TRP A 69 16.00 10.65 4.43
N VAL A 70 14.75 11.11 4.26
CA VAL A 70 14.41 12.32 3.49
C VAL A 70 14.17 13.41 4.55
N VAL A 71 15.10 14.36 4.61
CA VAL A 71 15.19 15.31 5.74
C VAL A 71 14.87 16.73 5.25
N GLU A 72 14.13 16.86 4.16
CA GLU A 72 13.76 18.11 3.57
C GLU A 72 12.58 17.95 2.65
N TYR A 73 11.94 19.04 2.29
CA TYR A 73 10.90 19.05 1.23
C TYR A 73 11.50 19.41 -0.11
N PRO A 74 10.98 18.78 -1.19
CA PRO A 74 11.43 19.14 -2.55
C PRO A 74 10.98 20.55 -2.82
N THR A 75 11.76 21.34 -3.53
CA THR A 75 11.44 22.77 -3.75
C THR A 75 10.74 22.98 -5.05
N GLY A 76 10.75 21.95 -5.91
CA GLY A 76 10.33 22.11 -7.27
C GLY A 76 11.43 22.50 -8.21
N LYS A 77 12.64 22.81 -7.72
CA LYS A 77 13.71 23.28 -8.59
C LYS A 77 14.70 22.11 -8.92
N GLU A 78 14.42 20.92 -8.41
CA GLU A 78 15.18 19.69 -8.69
C GLU A 78 15.22 19.43 -10.17
N THR A 79 16.41 19.16 -10.68
CA THR A 79 16.70 18.99 -12.12
C THR A 79 17.55 17.76 -12.38
N GLY A 80 17.35 17.11 -13.52
CA GLY A 80 18.25 16.09 -14.01
C GLY A 80 17.53 14.80 -14.34
N ASP A 81 18.25 13.92 -14.98
CA ASP A 81 17.76 12.58 -15.33
C ASP A 81 18.16 11.47 -14.40
N PHE A 82 17.20 10.60 -14.01
CA PHE A 82 17.44 9.58 -13.01
C PHE A 82 16.75 8.33 -13.48
N LEU A 83 17.20 7.17 -13.00
CA LEU A 83 16.46 5.92 -13.15
C LEU A 83 15.68 5.63 -11.87
N ALA A 84 14.48 5.05 -12.02
CA ALA A 84 13.80 4.48 -10.84
C ALA A 84 13.54 2.98 -11.15
N LEU A 85 13.77 2.17 -10.13
CA LEU A 85 13.43 0.77 -10.16
C LEU A 85 12.29 0.49 -9.17
N ASP A 86 11.17 -0.03 -9.66
CA ASP A 86 9.97 -0.14 -8.86
C ASP A 86 9.66 -1.66 -8.71
N LEU A 87 9.92 -2.20 -7.52
CA LEU A 87 9.48 -3.54 -7.14
C LEU A 87 8.22 -3.41 -6.27
N GLY A 88 7.10 -3.91 -6.85
CA GLY A 88 5.84 -4.17 -6.11
C GLY A 88 4.55 -3.97 -6.92
N GLY A 89 4.62 -3.42 -8.13
CA GLY A 89 3.44 -3.49 -9.05
C GLY A 89 3.12 -4.90 -9.55
N THR A 90 2.15 -5.01 -10.45
CA THR A 90 1.76 -6.34 -11.02
C THR A 90 2.97 -6.89 -11.82
N ASN A 91 3.68 -5.93 -12.44
CA ASN A 91 4.94 -6.09 -13.13
C ASN A 91 6.12 -5.39 -12.36
N LEU A 92 7.38 -5.85 -12.57
CA LEU A 92 8.59 -5.01 -12.24
C LEU A 92 8.57 -3.79 -13.23
N ARG A 93 8.92 -2.60 -12.77
CA ARG A 93 8.94 -1.44 -13.68
C ARG A 93 10.25 -0.68 -13.55
N VAL A 94 10.78 -0.23 -14.68
CA VAL A 94 11.97 0.60 -14.73
C VAL A 94 11.58 1.85 -15.44
N VAL A 95 11.96 2.97 -14.84
CA VAL A 95 11.53 4.28 -15.34
C VAL A 95 12.75 5.19 -15.55
N LEU A 96 12.76 5.98 -16.65
CA LEU A 96 13.72 7.04 -16.85
C LEU A 96 12.93 8.35 -16.53
N VAL A 97 13.35 9.11 -15.50
CA VAL A 97 12.65 10.26 -15.03
C VAL A 97 13.50 11.50 -15.31
N LYS A 98 12.92 12.43 -16.02
CA LYS A 98 13.59 13.72 -16.35
C LYS A 98 12.96 14.86 -15.49
N LEU A 99 13.65 15.31 -14.45
CA LEU A 99 13.11 16.45 -13.66
C LEU A 99 13.44 17.76 -14.31
N GLY A 100 12.42 18.63 -14.37
CA GLY A 100 12.43 19.85 -15.19
C GLY A 100 12.81 21.13 -14.48
N GLY A 101 12.79 21.11 -13.16
CA GLY A 101 13.27 22.27 -12.42
C GLY A 101 12.25 23.38 -12.20
N ASN A 102 10.95 23.23 -12.62
CA ASN A 102 9.83 24.10 -12.15
C ASN A 102 8.59 23.24 -11.86
N HIS A 103 8.77 22.35 -10.89
CA HIS A 103 7.68 21.46 -10.45
C HIS A 103 7.13 20.55 -11.60
N ASP A 104 7.97 20.25 -12.56
CA ASP A 104 7.58 19.59 -13.80
C ASP A 104 8.52 18.39 -14.00
N PHE A 105 8.04 17.45 -14.83
CA PHE A 105 8.89 16.26 -15.08
C PHE A 105 8.35 15.63 -16.36
N ASP A 106 9.12 14.64 -16.86
CA ASP A 106 8.59 13.75 -17.88
C ASP A 106 9.18 12.38 -17.57
N THR A 107 8.51 11.32 -18.07
CA THR A 107 9.01 9.94 -17.83
C THR A 107 8.75 9.04 -19.05
N THR A 108 9.58 8.00 -19.18
CA THR A 108 9.24 6.87 -20.05
C THR A 108 9.64 5.59 -19.24
N GLN A 109 8.99 4.49 -19.54
CA GLN A 109 9.09 3.28 -18.69
C GLN A 109 8.89 1.99 -19.48
N ASN A 110 9.43 0.91 -18.89
CA ASN A 110 9.08 -0.41 -19.36
C ASN A 110 8.62 -1.23 -18.14
N LYS A 111 7.79 -2.21 -18.40
CA LYS A 111 7.22 -3.14 -17.43
C LYS A 111 7.69 -4.52 -17.83
N TYR A 112 8.01 -5.29 -16.79
CA TYR A 112 8.53 -6.64 -16.97
C TYR A 112 7.74 -7.67 -16.17
N ARG A 113 7.17 -8.67 -16.86
CA ARG A 113 6.32 -9.66 -16.19
C ARG A 113 7.15 -10.44 -15.15
N LEU A 114 6.66 -10.55 -13.95
CA LEU A 114 7.36 -11.36 -12.95
C LEU A 114 7.38 -12.85 -13.30
N PRO A 115 8.50 -13.54 -13.03
CA PRO A 115 8.60 -14.95 -13.22
C PRO A 115 7.45 -15.66 -12.52
N ASP A 116 7.14 -16.84 -13.07
CA ASP A 116 6.11 -17.66 -12.42
C ASP A 116 6.74 -17.99 -11.05
N HIS A 117 5.92 -17.90 -10.03
CA HIS A 117 6.22 -18.34 -8.66
C HIS A 117 7.37 -17.59 -7.98
N LEU A 118 7.58 -16.36 -8.48
CA LEU A 118 8.60 -15.46 -7.94
C LEU A 118 8.41 -15.38 -6.44
N ARG A 119 7.17 -15.15 -6.01
CA ARG A 119 6.85 -15.02 -4.58
C ARG A 119 7.29 -16.19 -3.70
N THR A 120 7.50 -17.38 -4.23
CA THR A 120 7.88 -18.55 -3.39
C THR A 120 9.19 -19.10 -3.90
N GLY A 121 9.86 -18.31 -4.75
CA GLY A 121 11.19 -18.66 -5.32
C GLY A 121 12.36 -18.31 -4.38
N THR A 122 13.60 -18.31 -4.95
CA THR A 122 14.78 -18.03 -4.11
C THR A 122 15.21 -16.58 -4.20
N SER A 123 16.04 -16.13 -3.24
CA SER A 123 16.63 -14.81 -3.33
C SER A 123 17.39 -14.67 -4.65
N GLU A 124 18.20 -15.67 -4.99
CA GLU A 124 19.00 -15.56 -6.20
C GLU A 124 18.11 -15.34 -7.43
N GLN A 125 16.97 -16.04 -7.55
CA GLN A 125 16.03 -15.81 -8.63
C GLN A 125 15.58 -14.40 -8.69
N LEU A 126 15.19 -13.84 -7.54
CA LEU A 126 14.67 -12.48 -7.51
C LEU A 126 15.71 -11.45 -8.01
N TRP A 127 16.90 -11.50 -7.45
CA TRP A 127 17.92 -10.40 -7.76
C TRP A 127 18.45 -10.62 -9.18
N SER A 128 18.53 -11.85 -9.68
CA SER A 128 18.97 -12.11 -11.04
C SER A 128 17.93 -11.59 -12.04
N PHE A 129 16.63 -11.73 -11.73
CA PHE A 129 15.53 -11.29 -12.61
C PHE A 129 15.60 -9.76 -12.62
N ILE A 130 15.70 -9.16 -11.46
CA ILE A 130 15.73 -7.69 -11.45
C ILE A 130 16.92 -7.14 -12.27
N ALA A 131 18.13 -7.68 -12.06
CA ALA A 131 19.29 -7.12 -12.80
C ALA A 131 19.12 -7.35 -14.28
N LYS A 132 18.55 -8.49 -14.70
CA LYS A 132 18.30 -8.73 -16.11
C LYS A 132 17.43 -7.64 -16.70
N CYS A 133 16.35 -7.22 -16.01
CA CYS A 133 15.48 -6.19 -16.50
C CYS A 133 16.20 -4.82 -16.56
N LEU A 134 16.95 -4.50 -15.50
CA LEU A 134 17.79 -3.27 -15.55
C LEU A 134 18.73 -3.20 -16.70
N LYS A 135 19.49 -4.25 -16.99
CA LYS A 135 20.35 -4.24 -18.14
C LYS A 135 19.52 -4.08 -19.46
N GLU A 136 18.34 -4.69 -19.56
CA GLU A 136 17.54 -4.55 -20.83
C GLU A 136 17.17 -3.07 -21.03
N PHE A 137 16.72 -2.44 -19.95
CA PHE A 137 16.35 -1.04 -19.99
C PHE A 137 17.55 -0.10 -20.34
N VAL A 138 18.69 -0.27 -19.64
CA VAL A 138 19.84 0.58 -19.91
C VAL A 138 20.36 0.40 -21.34
N ASP A 139 20.36 -0.83 -21.84
CA ASP A 139 20.83 -1.10 -23.19
C ASP A 139 19.88 -0.45 -24.21
N GLU A 140 18.60 -0.34 -23.89
CA GLU A 140 17.59 0.15 -24.86
C GLU A 140 17.74 1.68 -24.87
N TRP A 141 17.82 2.28 -23.68
CA TRP A 141 17.78 3.80 -23.58
C TRP A 141 19.13 4.48 -23.64
N TYR A 142 20.20 3.70 -23.34
CA TYR A 142 21.61 4.23 -23.48
C TYR A 142 22.44 3.26 -24.30
N PRO A 143 22.03 2.98 -25.51
CA PRO A 143 22.73 1.99 -26.33
C PRO A 143 24.18 2.34 -26.61
N ASP A 144 24.57 3.65 -26.54
CA ASP A 144 25.95 4.11 -26.79
C ASP A 144 26.75 4.13 -25.49
N GLY A 145 26.21 3.65 -24.40
CA GLY A 145 26.93 3.63 -23.11
C GLY A 145 26.82 4.98 -22.45
N VAL A 146 27.44 5.11 -21.28
CA VAL A 146 27.40 6.35 -20.45
C VAL A 146 28.79 6.63 -19.87
N SER A 147 29.09 7.92 -19.64
CA SER A 147 30.41 8.38 -19.16
C SER A 147 30.58 8.24 -17.62
N GLU A 148 29.44 8.14 -16.97
CA GLU A 148 29.36 8.00 -15.52
C GLU A 148 28.11 7.20 -15.17
N PRO A 149 28.16 6.54 -14.01
CA PRO A 149 27.11 5.63 -13.58
C PRO A 149 25.78 6.42 -13.51
N LEU A 150 24.69 5.78 -13.96
CA LEU A 150 23.38 6.42 -13.94
C LEU A 150 22.87 6.37 -12.48
N PRO A 151 22.41 7.50 -11.94
CA PRO A 151 21.87 7.47 -10.56
C PRO A 151 20.50 6.88 -10.54
N LEU A 152 20.28 5.97 -9.61
CA LEU A 152 19.02 5.26 -9.51
C LEU A 152 18.39 5.31 -8.13
N GLY A 153 17.09 5.51 -8.04
CA GLY A 153 16.37 5.28 -6.80
C GLY A 153 15.62 3.98 -6.87
N PHE A 154 15.74 3.14 -5.84
CA PHE A 154 15.06 1.85 -5.82
C PHE A 154 13.87 1.88 -4.87
N THR A 155 12.71 1.77 -5.47
CA THR A 155 11.47 1.62 -4.68
C THR A 155 11.30 0.15 -4.39
N PHE A 156 11.45 -0.12 -3.09
CA PHE A 156 11.26 -1.51 -2.55
C PHE A 156 9.99 -1.43 -1.70
N SER A 157 8.89 -1.97 -2.24
CA SER A 157 7.56 -1.78 -1.62
C SER A 157 7.26 -2.77 -0.48
N TYR A 158 8.21 -2.92 0.45
CA TYR A 158 8.19 -3.86 1.58
C TYR A 158 8.90 -3.17 2.73
N PRO A 159 8.65 -3.60 3.96
CA PRO A 159 9.24 -2.89 5.12
C PRO A 159 10.75 -3.18 5.24
N ALA A 160 11.55 -2.11 5.20
CA ALA A 160 13.04 -2.32 5.29
C ALA A 160 13.67 -1.31 6.21
N SER A 161 14.40 -1.85 7.21
CA SER A 161 15.07 -0.99 8.21
C SER A 161 16.17 -0.25 7.45
N GLN A 162 16.35 1.05 7.69
CA GLN A 162 17.39 1.85 6.96
C GLN A 162 18.30 2.59 7.98
N LYS A 163 19.54 2.13 8.12
CA LYS A 163 20.49 2.85 8.96
C LYS A 163 21.02 4.04 8.12
N LYS A 164 20.85 4.02 6.80
CA LYS A 164 21.32 5.07 5.88
C LYS A 164 20.38 4.88 4.69
N ILE A 165 20.32 5.85 3.81
CA ILE A 165 19.28 5.77 2.77
C ILE A 165 19.53 4.75 1.67
N ASN A 166 20.83 4.39 1.49
CA ASN A 166 21.11 3.34 0.49
C ASN A 166 21.29 1.98 1.15
N SER A 167 20.47 1.64 2.12
CA SER A 167 20.49 0.31 2.77
C SER A 167 19.04 0.01 3.06
N GLY A 168 18.70 -1.26 3.07
CA GLY A 168 17.34 -1.62 3.40
C GLY A 168 17.29 -3.06 3.85
N VAL A 169 17.11 -3.31 5.17
CA VAL A 169 17.11 -4.68 5.66
C VAL A 169 15.70 -5.16 5.82
N LEU A 170 15.33 -6.13 4.99
CA LEU A 170 13.89 -6.52 4.89
C LEU A 170 13.38 -7.01 6.30
N GLN A 171 12.27 -6.43 6.78
CA GLN A 171 11.76 -6.88 8.07
C GLN A 171 10.84 -8.12 7.93
N ARG A 172 9.93 -8.10 6.94
CA ARG A 172 9.02 -9.24 6.80
C ARG A 172 8.51 -9.08 5.36
N TRP A 173 8.30 -10.23 4.71
CA TRP A 173 7.57 -10.22 3.43
C TRP A 173 6.07 -9.98 3.73
N THR A 174 5.44 -9.18 2.86
CA THR A 174 4.02 -8.88 2.96
C THR A 174 3.38 -9.20 1.60
N LYS A 175 2.04 -9.09 1.60
CA LYS A 175 1.28 -9.21 0.31
C LYS A 175 1.48 -10.57 -0.37
N GLY A 176 1.58 -11.68 0.40
CA GLY A 176 1.75 -12.96 -0.24
C GLY A 176 3.21 -13.41 -0.49
N PHE A 177 4.22 -12.49 -0.41
CA PHE A 177 5.57 -12.92 -0.65
C PHE A 177 6.12 -13.83 0.37
N ASP A 178 7.00 -14.72 -0.11
CA ASP A 178 7.54 -15.78 0.81
C ASP A 178 8.86 -16.33 0.26
N ILE A 179 9.78 -15.39 -0.02
CA ILE A 179 11.09 -15.74 -0.68
C ILE A 179 12.10 -16.06 0.46
N GLU A 180 12.60 -17.29 0.55
CA GLU A 180 13.62 -17.63 1.59
C GLU A 180 14.92 -16.80 1.44
N GLY A 181 15.54 -16.45 2.58
CA GLY A 181 16.89 -15.93 2.49
C GLY A 181 16.93 -14.41 2.32
N VAL A 182 15.80 -13.71 2.47
CA VAL A 182 15.80 -12.29 2.30
C VAL A 182 15.43 -11.53 3.57
N GLU A 183 14.45 -12.07 4.34
CA GLU A 183 14.09 -11.38 5.59
C GLU A 183 15.37 -11.40 6.49
N GLY A 184 15.67 -10.20 7.08
CA GLY A 184 16.87 -10.03 7.86
C GLY A 184 18.15 -9.71 7.11
N HIS A 185 18.02 -9.54 5.81
CA HIS A 185 19.16 -9.23 4.88
C HIS A 185 19.00 -7.90 4.27
N ASP A 186 20.14 -7.23 4.12
CA ASP A 186 20.21 -5.96 3.39
C ASP A 186 20.07 -6.20 1.82
N VAL A 187 18.98 -5.71 1.28
CA VAL A 187 18.70 -5.97 -0.12
C VAL A 187 19.53 -5.10 -1.04
N VAL A 188 20.05 -3.95 -0.61
CA VAL A 188 20.79 -3.12 -1.55
C VAL A 188 22.08 -3.89 -1.99
N PRO A 189 22.88 -4.50 -1.07
CA PRO A 189 23.99 -5.26 -1.58
C PRO A 189 23.59 -6.43 -2.43
N MET A 190 22.43 -7.04 -2.15
CA MET A 190 21.95 -8.15 -2.95
C MET A 190 21.69 -7.71 -4.42
N LEU A 191 21.09 -6.53 -4.57
CA LEU A 191 20.86 -5.93 -5.88
C LEU A 191 22.21 -5.51 -6.53
N GLN A 192 23.03 -4.78 -5.79
CA GLN A 192 24.32 -4.34 -6.30
C GLN A 192 25.21 -5.44 -6.86
N GLU A 193 25.28 -6.61 -6.18
CA GLU A 193 26.10 -7.75 -6.68
C GLU A 193 25.64 -8.20 -8.08
N GLN A 194 24.35 -8.23 -8.32
CA GLN A 194 23.78 -8.66 -9.63
C GLN A 194 23.93 -7.58 -10.70
N ILE A 195 23.79 -6.32 -10.30
CA ILE A 195 24.14 -5.16 -11.21
C ILE A 195 25.60 -5.30 -11.66
N GLU A 196 26.52 -5.60 -10.73
CA GLU A 196 27.94 -5.70 -11.08
C GLU A 196 28.20 -6.87 -11.99
N LYS A 197 27.49 -7.97 -11.74
CA LYS A 197 27.75 -9.20 -12.50
C LYS A 197 27.41 -9.01 -13.99
N LEU A 198 26.40 -8.20 -14.26
CA LEU A 198 25.97 -7.86 -15.63
C LEU A 198 26.66 -6.57 -16.11
N ASN A 199 27.58 -5.99 -15.32
CA ASN A 199 28.37 -4.78 -15.71
C ASN A 199 27.42 -3.63 -16.11
N ILE A 200 26.33 -3.40 -15.38
CA ILE A 200 25.38 -2.33 -15.73
C ILE A 200 25.91 -1.06 -15.03
N PRO A 201 26.02 0.08 -15.76
CA PRO A 201 26.60 1.29 -15.13
C PRO A 201 25.58 2.06 -14.33
N ILE A 202 25.24 1.54 -13.16
CA ILE A 202 24.18 2.07 -12.27
C ILE A 202 24.76 2.36 -10.89
N ASN A 203 24.46 3.54 -10.39
CA ASN A 203 24.78 3.96 -9.03
C ASN A 203 23.46 3.91 -8.20
N VAL A 204 23.26 2.96 -7.29
CA VAL A 204 22.05 2.93 -6.45
C VAL A 204 22.15 3.95 -5.34
N VAL A 205 21.54 5.10 -5.53
CA VAL A 205 21.71 6.26 -4.67
C VAL A 205 20.88 6.08 -3.40
N ALA A 206 19.71 5.50 -3.55
CA ALA A 206 18.73 5.44 -2.42
C ALA A 206 17.79 4.28 -2.58
N LEU A 207 17.39 3.69 -1.47
CA LEU A 207 16.22 2.80 -1.39
C LEU A 207 15.13 3.60 -0.68
N ILE A 208 13.92 3.48 -1.22
CA ILE A 208 12.75 4.11 -0.62
C ILE A 208 11.58 3.11 -0.55
N ASN A 209 10.66 3.42 0.34
CA ASN A 209 9.36 2.77 0.24
C ASN A 209 8.44 3.50 -0.71
N ASP A 210 7.44 2.78 -1.22
CA ASP A 210 6.46 3.40 -2.14
C ASP A 210 5.64 4.54 -1.49
N THR A 211 5.40 4.44 -0.18
CA THR A 211 4.70 5.56 0.49
C THR A 211 5.53 6.80 0.55
N THR A 212 6.80 6.65 0.94
CA THR A 212 7.70 7.79 1.00
C THR A 212 7.84 8.44 -0.39
N GLY A 213 7.90 7.61 -1.44
CA GLY A 213 7.97 8.21 -2.80
C GLY A 213 6.69 8.95 -3.17
N THR A 214 5.57 8.37 -2.78
CA THR A 214 4.29 9.05 -3.02
C THR A 214 4.17 10.41 -2.35
N LEU A 215 4.64 10.46 -1.10
CA LEU A 215 4.65 11.68 -0.38
C LEU A 215 5.52 12.74 -1.06
N VAL A 216 6.76 12.35 -1.40
CA VAL A 216 7.69 13.34 -1.91
C VAL A 216 7.34 13.83 -3.34
N ALA A 217 6.98 12.84 -4.24
CA ALA A 217 6.60 13.20 -5.61
C ALA A 217 5.35 14.09 -5.59
N SER A 218 4.40 13.81 -4.65
CA SER A 218 3.15 14.61 -4.71
C SER A 218 3.38 15.98 -4.10
N LEU A 219 4.33 16.10 -3.16
CA LEU A 219 4.64 17.43 -2.63
C LEU A 219 5.35 18.26 -3.68
N TYR A 220 6.10 17.61 -4.60
CA TYR A 220 6.73 18.37 -5.68
C TYR A 220 5.75 19.13 -6.59
N THR A 221 4.48 18.62 -6.73
CA THR A 221 3.54 19.38 -7.55
C THR A 221 2.37 19.94 -6.80
N ASP A 222 2.13 19.41 -5.59
CA ASP A 222 1.00 19.88 -4.75
C ASP A 222 1.55 20.26 -3.38
N PRO A 223 1.84 21.58 -3.15
CA PRO A 223 2.42 21.94 -1.83
C PRO A 223 1.55 21.79 -0.56
N GLN A 224 0.32 21.30 -0.72
CA GLN A 224 -0.53 20.98 0.44
C GLN A 224 -0.51 19.52 0.81
N THR A 225 0.36 18.74 0.15
CA THR A 225 0.48 17.34 0.49
C THR A 225 1.06 17.22 1.89
N LYS A 226 0.40 16.43 2.77
CA LYS A 226 0.93 16.11 4.12
C LYS A 226 1.08 14.63 4.36
N MET A 227 0.56 13.78 3.46
CA MET A 227 0.79 12.32 3.55
C MET A 227 0.93 11.78 2.16
N GLY A 228 1.61 10.61 2.05
CA GLY A 228 1.51 9.79 0.81
C GLY A 228 1.04 8.38 1.25
N ILE A 229 -0.09 7.96 0.69
CA ILE A 229 -0.67 6.68 1.08
C ILE A 229 -0.86 5.79 -0.14
N ILE A 230 -0.83 4.48 0.13
CA ILE A 230 -1.16 3.46 -0.87
C ILE A 230 -2.34 2.70 -0.38
N ILE A 231 -3.32 2.57 -1.26
CA ILE A 231 -4.50 1.72 -0.96
C ILE A 231 -4.63 0.82 -2.21
N GLY A 232 -3.89 -0.30 -2.18
CA GLY A 232 -3.72 -1.11 -3.35
C GLY A 232 -3.50 -2.51 -2.95
N THR A 233 -2.51 -3.18 -3.53
CA THR A 233 -2.25 -4.53 -3.17
C THR A 233 -2.00 -4.56 -1.64
N GLY A 234 -1.31 -3.51 -1.15
CA GLY A 234 -1.17 -3.37 0.31
C GLY A 234 -1.79 -2.07 0.74
N VAL A 235 -1.62 -1.80 2.05
CA VAL A 235 -2.16 -0.54 2.63
C VAL A 235 -1.07 -0.03 3.57
N ASN A 236 -0.68 1.23 3.38
CA ASN A 236 0.34 1.82 4.20
C ASN A 236 0.32 3.36 3.98
N GLY A 237 1.10 4.10 4.76
CA GLY A 237 1.19 5.56 4.64
C GLY A 237 2.54 6.06 5.10
N ALA A 238 2.87 7.24 4.58
CA ALA A 238 4.05 8.00 4.94
C ALA A 238 3.70 9.43 5.24
N TYR A 239 4.55 10.08 6.02
CA TYR A 239 4.31 11.49 6.32
C TYR A 239 5.64 12.03 6.84
N TYR A 240 5.71 13.37 7.07
CA TYR A 240 6.92 13.93 7.67
C TYR A 240 6.69 14.18 9.14
N ASP A 241 7.57 13.57 9.98
CA ASP A 241 7.63 14.00 11.35
C ASP A 241 8.77 14.98 11.52
N VAL A 242 9.17 15.24 12.78
CA VAL A 242 10.29 16.14 13.05
C VAL A 242 11.29 15.30 13.86
N VAL A 243 12.59 15.48 13.67
CA VAL A 243 13.56 14.66 14.40
C VAL A 243 13.35 14.68 15.93
N SER A 244 13.03 15.85 16.55
CA SER A 244 12.78 15.95 18.02
C SER A 244 11.63 14.98 18.44
N GLY A 245 10.72 14.67 17.52
CA GLY A 245 9.53 13.81 17.83
C GLY A 245 9.81 12.36 17.62
N ILE A 246 11.07 12.00 17.33
CA ILE A 246 11.50 10.59 17.08
C ILE A 246 12.46 10.07 18.14
N GLU A 247 11.94 9.54 19.23
CA GLU A 247 12.71 9.27 20.40
C GLU A 247 13.76 8.22 20.09
N LYS A 248 13.39 7.25 19.27
CA LYS A 248 14.31 6.18 18.98
C LYS A 248 15.58 6.63 18.20
N LEU A 249 15.60 7.86 17.65
CA LEU A 249 16.82 8.42 16.95
C LEU A 249 17.70 9.21 17.93
N GLU A 250 17.25 9.43 19.18
CA GLU A 250 18.05 10.22 20.15
C GLU A 250 19.43 9.54 20.28
N GLY A 251 20.51 10.34 20.21
CA GLY A 251 21.90 9.85 20.36
C GLY A 251 22.50 9.16 19.13
N LEU A 252 21.70 9.03 18.09
CA LEU A 252 22.11 8.33 16.91
C LEU A 252 22.34 9.23 15.75
N LEU A 253 22.07 10.54 15.91
CA LEU A 253 22.04 11.38 14.69
C LEU A 253 23.30 12.22 14.56
N PRO A 254 23.73 12.46 13.31
CA PRO A 254 24.92 13.27 13.13
C PRO A 254 24.51 14.71 13.27
N GLU A 255 25.50 15.56 13.45
CA GLU A 255 25.22 16.91 13.88
C GLU A 255 24.45 17.76 12.84
N ASP A 256 24.76 17.58 11.57
CA ASP A 256 24.01 18.32 10.54
C ASP A 256 22.51 18.05 10.42
N ILE A 257 21.98 17.03 11.15
CA ILE A 257 20.56 16.76 11.16
C ILE A 257 20.12 17.10 12.57
N GLY A 258 19.58 18.31 12.71
CA GLY A 258 19.22 18.85 14.02
C GLY A 258 17.81 18.49 14.46
N PRO A 259 17.44 18.90 15.70
CA PRO A 259 16.14 18.52 16.31
C PRO A 259 14.96 19.04 15.53
N ASP A 260 15.14 20.17 14.81
CA ASP A 260 13.98 20.72 14.02
C ASP A 260 13.85 20.20 12.57
N SER A 261 14.73 19.28 12.20
CA SER A 261 14.76 18.80 10.81
C SER A 261 13.47 18.01 10.54
N PRO A 262 12.81 18.20 9.39
CA PRO A 262 11.86 17.15 8.98
C PRO A 262 12.52 15.77 8.84
N MET A 263 11.71 14.71 8.96
CA MET A 263 12.17 13.38 8.64
C MET A 263 10.98 12.64 8.12
N ALA A 264 11.05 12.18 6.86
CA ALA A 264 9.98 11.37 6.35
C ALA A 264 9.93 10.01 7.09
N ILE A 265 8.73 9.50 7.39
CA ILE A 265 8.55 8.18 8.10
C ILE A 265 7.63 7.26 7.19
N ASN A 266 8.15 6.06 6.86
CA ASN A 266 7.35 5.03 6.29
C ASN A 266 6.70 4.29 7.50
N CYS A 267 5.41 4.56 7.71
CA CYS A 267 4.85 4.00 8.96
C CYS A 267 4.77 2.47 9.00
N GLU A 268 4.62 1.87 7.84
CA GLU A 268 4.23 0.40 7.72
C GLU A 268 3.02 0.08 8.58
N TYR A 269 2.01 1.00 8.49
CA TYR A 269 0.83 0.82 9.32
C TYR A 269 -0.14 -0.24 8.82
N GLY A 270 0.21 -0.91 7.71
CA GLY A 270 -0.46 -2.18 7.41
C GLY A 270 -0.38 -3.16 8.59
N SER A 271 0.66 -3.00 9.41
CA SER A 271 0.84 -3.81 10.61
C SER A 271 -0.11 -3.54 11.75
N PHE A 272 -0.89 -2.42 11.72
CA PHE A 272 -1.57 -2.00 12.92
C PHE A 272 -2.49 -3.08 13.51
N ASP A 273 -2.36 -3.22 14.86
CA ASP A 273 -3.27 -4.04 15.69
C ASP A 273 -3.10 -5.54 15.40
N ASN A 274 -1.85 -5.98 15.23
CA ASN A 274 -1.60 -7.41 15.26
C ASN A 274 -1.94 -7.99 16.64
N GLU A 275 -1.96 -7.18 17.71
CA GLU A 275 -2.42 -7.64 19.05
C GLU A 275 -3.92 -7.98 19.16
N HIS A 276 -4.71 -7.51 18.16
CA HIS A 276 -6.14 -7.77 18.09
C HIS A 276 -6.87 -7.20 19.31
N LEU A 277 -6.59 -5.91 19.53
CA LEU A 277 -7.26 -5.21 20.64
C LEU A 277 -8.40 -4.28 20.21
N VAL A 278 -8.44 -3.86 18.96
CA VAL A 278 -9.48 -2.95 18.54
CA VAL A 278 -9.49 -2.94 18.54
C VAL A 278 -10.15 -3.20 17.21
N LEU A 279 -9.46 -3.76 16.21
CA LEU A 279 -10.11 -3.89 14.90
C LEU A 279 -11.21 -4.98 14.95
N PRO A 280 -12.30 -4.80 14.16
CA PRO A 280 -13.44 -5.70 14.26
C PRO A 280 -13.24 -6.98 13.47
N ARG A 281 -12.21 -7.71 13.86
CA ARG A 281 -11.87 -8.96 13.16
C ARG A 281 -13.03 -9.96 13.26
N THR A 282 -13.31 -10.57 12.12
CA THR A 282 -14.36 -11.65 12.05
C THR A 282 -13.65 -12.98 11.84
N LYS A 283 -14.46 -14.05 11.87
CA LYS A 283 -13.90 -15.39 11.74
C LYS A 283 -13.30 -15.49 10.32
N TYR A 284 -13.75 -14.70 9.33
CA TYR A 284 -13.18 -14.77 7.98
C TYR A 284 -11.78 -14.14 8.01
N ASP A 285 -11.58 -13.06 8.77
CA ASP A 285 -10.29 -12.42 8.88
C ASP A 285 -9.31 -13.35 9.61
N VAL A 286 -9.81 -14.06 10.61
CA VAL A 286 -9.00 -15.02 11.32
C VAL A 286 -8.44 -16.05 10.37
N ILE A 287 -9.29 -16.67 9.58
CA ILE A 287 -8.82 -17.69 8.56
C ILE A 287 -7.80 -17.09 7.61
N ILE A 288 -8.05 -15.92 7.06
CA ILE A 288 -7.10 -15.27 6.14
C ILE A 288 -5.74 -15.14 6.79
N ASP A 289 -5.75 -14.64 8.03
CA ASP A 289 -4.47 -14.48 8.70
C ASP A 289 -3.76 -15.79 8.95
N GLU A 290 -4.49 -16.78 9.49
CA GLU A 290 -3.92 -18.12 9.81
C GLU A 290 -3.36 -18.84 8.55
N GLU A 291 -3.97 -18.60 7.40
CA GLU A 291 -3.62 -19.33 6.13
C GLU A 291 -2.67 -18.57 5.29
N SER A 292 -2.27 -17.40 5.78
CA SER A 292 -1.39 -16.55 4.95
C SER A 292 0.06 -16.98 5.19
N PRO A 293 1.02 -16.54 4.32
CA PRO A 293 2.39 -16.89 4.61
C PRO A 293 2.98 -16.39 5.94
N ARG A 294 2.47 -15.26 6.42
CA ARG A 294 2.99 -14.65 7.67
C ARG A 294 1.81 -14.44 8.61
N PRO A 295 1.36 -15.54 9.30
CA PRO A 295 0.31 -15.36 10.28
C PRO A 295 0.75 -14.44 11.45
N GLY A 296 -0.16 -13.62 11.95
CA GLY A 296 0.22 -12.75 13.07
C GLY A 296 0.73 -11.43 12.63
N GLN A 297 0.87 -11.20 11.32
CA GLN A 297 1.41 -10.01 10.81
C GLN A 297 0.40 -9.26 9.93
N GLN A 298 0.60 -7.95 9.72
CA GLN A 298 -0.21 -7.14 8.76
C GLN A 298 -1.72 -7.23 9.04
N ALA A 299 -2.17 -7.17 10.30
CA ALA A 299 -3.58 -7.37 10.59
C ALA A 299 -4.48 -6.32 9.85
N PHE A 300 -4.10 -5.03 9.92
CA PHE A 300 -4.93 -3.98 9.36
C PHE A 300 -5.00 -4.11 7.87
N GLU A 301 -3.85 -4.34 7.21
CA GLU A 301 -3.81 -4.53 5.76
C GLU A 301 -4.59 -5.75 5.31
N LYS A 302 -4.56 -6.84 6.10
CA LYS A 302 -5.27 -8.08 5.70
C LYS A 302 -6.80 -7.83 5.65
N MET A 303 -7.31 -6.89 6.47
CA MET A 303 -8.73 -6.57 6.45
C MET A 303 -9.16 -5.61 5.30
N THR A 304 -8.23 -4.94 4.70
CA THR A 304 -8.49 -3.76 3.93
C THR A 304 -7.99 -3.70 2.48
N SER A 305 -6.86 -4.39 2.18
CA SER A 305 -6.19 -4.13 0.93
C SER A 305 -6.69 -5.07 -0.20
N GLY A 306 -6.29 -4.67 -1.39
CA GLY A 306 -6.77 -5.35 -2.60
C GLY A 306 -6.25 -6.77 -2.75
N TYR A 307 -5.15 -7.14 -2.07
CA TYR A 307 -4.77 -8.56 -2.15
C TYR A 307 -5.83 -9.47 -1.51
N TYR A 308 -6.64 -8.96 -0.57
CA TYR A 308 -7.46 -9.76 0.34
C TYR A 308 -8.98 -9.59 0.12
N LEU A 309 -9.46 -8.54 -0.55
CA LEU A 309 -10.94 -8.27 -0.48
C LEU A 309 -11.71 -9.42 -1.19
N GLY A 310 -11.16 -9.94 -2.30
CA GLY A 310 -11.88 -11.06 -2.96
C GLY A 310 -11.83 -12.34 -2.12
N GLU A 311 -10.74 -12.59 -1.40
CA GLU A 311 -10.62 -13.72 -0.48
C GLU A 311 -11.57 -13.60 0.71
N ILE A 312 -11.87 -12.38 1.21
CA ILE A 312 -12.94 -12.30 2.23
C ILE A 312 -14.28 -12.75 1.63
N MET A 313 -14.58 -12.31 0.41
CA MET A 313 -15.86 -12.75 -0.18
C MET A 313 -15.88 -14.25 -0.39
N ARG A 314 -14.77 -14.81 -0.85
CA ARG A 314 -14.71 -16.27 -1.13
C ARG A 314 -15.03 -17.08 0.17
N LEU A 315 -14.43 -16.71 1.29
CA LEU A 315 -14.63 -17.38 2.52
C LEU A 315 -16.03 -17.22 3.09
N VAL A 316 -16.61 -16.01 2.95
CA VAL A 316 -18.02 -15.85 3.33
C VAL A 316 -18.92 -16.78 2.50
N LEU A 317 -18.70 -16.81 1.17
CA LEU A 317 -19.52 -17.64 0.27
C LEU A 317 -19.42 -19.09 0.57
N LEU A 318 -18.23 -19.55 0.94
CA LEU A 318 -18.01 -20.95 1.18
C LEU A 318 -18.64 -21.30 2.55
N ASP A 319 -18.58 -20.40 3.53
CA ASP A 319 -19.38 -20.59 4.76
C ASP A 319 -20.92 -20.69 4.56
N LEU A 320 -21.45 -19.77 3.75
CA LEU A 320 -22.84 -19.86 3.46
C LEU A 320 -23.19 -21.16 2.72
N TYR A 321 -22.31 -21.63 1.86
CA TYR A 321 -22.56 -22.94 1.20
C TYR A 321 -22.52 -24.12 2.22
N ASP A 322 -21.48 -24.13 3.03
CA ASP A 322 -21.26 -25.21 4.05
C ASP A 322 -22.39 -25.27 5.06
N SER A 323 -22.98 -24.10 5.32
CA SER A 323 -24.13 -23.96 6.28
C SER A 323 -25.50 -24.17 5.60
N GLY A 324 -25.50 -24.50 4.28
CA GLY A 324 -26.72 -24.91 3.61
C GLY A 324 -27.55 -23.82 2.95
N PHE A 325 -26.99 -22.61 2.89
CA PHE A 325 -27.86 -21.49 2.45
C PHE A 325 -27.83 -21.25 0.93
N ILE A 326 -26.68 -21.46 0.31
CA ILE A 326 -26.54 -21.02 -1.14
C ILE A 326 -25.83 -22.12 -1.94
N PHE A 327 -25.93 -22.01 -3.25
CA PHE A 327 -25.27 -22.83 -4.25
C PHE A 327 -25.57 -24.31 -3.97
N LYS A 328 -26.83 -24.64 -3.61
CA LYS A 328 -27.07 -25.89 -2.87
C LYS A 328 -26.85 -27.10 -3.77
N ASP A 329 -27.20 -26.93 -5.03
CA ASP A 329 -27.16 -27.98 -6.02
C ASP A 329 -25.89 -27.91 -6.92
N GLN A 330 -24.91 -27.08 -6.52
CA GLN A 330 -23.74 -26.73 -7.36
C GLN A 330 -22.49 -27.51 -6.99
N ASP A 331 -21.62 -27.75 -7.98
CA ASP A 331 -20.27 -28.22 -7.69
C ASP A 331 -19.46 -27.00 -7.37
N ILE A 332 -19.02 -26.87 -6.12
CA ILE A 332 -18.32 -25.63 -5.72
C ILE A 332 -16.79 -25.79 -5.60
N SER A 333 -16.29 -26.86 -6.19
CA SER A 333 -14.85 -27.19 -6.11
C SER A 333 -13.93 -25.98 -6.45
N LYS A 334 -14.27 -25.19 -7.46
CA LYS A 334 -13.40 -24.06 -7.86
C LYS A 334 -13.39 -22.98 -6.83
N LEU A 335 -14.43 -22.89 -5.99
CA LEU A 335 -14.50 -21.96 -4.90
C LEU A 335 -13.57 -22.29 -3.70
N LYS A 336 -13.02 -23.51 -3.70
CA LYS A 336 -12.21 -23.96 -2.55
C LYS A 336 -10.75 -23.55 -2.69
N GLU A 337 -10.40 -22.98 -3.83
CA GLU A 337 -8.99 -22.60 -4.09
C GLU A 337 -8.71 -21.20 -3.44
N ALA A 338 -7.82 -21.15 -2.46
CA ALA A 338 -7.55 -19.86 -1.81
C ALA A 338 -6.97 -18.85 -2.83
N TYR A 339 -7.50 -17.64 -2.71
CA TYR A 339 -7.14 -16.49 -3.61
C TYR A 339 -7.59 -16.58 -5.04
N VAL A 340 -8.42 -17.59 -5.35
CA VAL A 340 -8.90 -17.66 -6.75
C VAL A 340 -9.82 -16.48 -7.11
N MET A 341 -10.49 -15.88 -6.11
CA MET A 341 -11.34 -14.67 -6.35
C MET A 341 -10.50 -13.45 -5.92
N ASP A 342 -9.87 -12.77 -6.87
CA ASP A 342 -9.18 -11.48 -6.57
C ASP A 342 -10.18 -10.35 -6.49
N THR A 343 -9.71 -9.13 -6.22
CA THR A 343 -10.64 -8.01 -5.95
C THR A 343 -11.36 -7.60 -7.19
N SER A 344 -10.93 -8.06 -8.38
CA SER A 344 -11.76 -7.84 -9.62
C SER A 344 -13.13 -8.49 -9.50
N TYR A 345 -13.33 -9.55 -8.71
CA TYR A 345 -14.66 -10.10 -8.52
C TYR A 345 -15.59 -9.10 -7.87
N PRO A 346 -15.33 -8.61 -6.62
CA PRO A 346 -16.31 -7.68 -6.02
C PRO A 346 -16.42 -6.38 -6.87
N SER A 347 -15.37 -5.96 -7.54
CA SER A 347 -15.40 -4.78 -8.37
C SER A 347 -16.37 -4.92 -9.52
N LYS A 348 -16.22 -6.01 -10.27
CA LYS A 348 -17.18 -6.28 -11.36
C LYS A 348 -18.64 -6.45 -10.85
N ILE A 349 -18.80 -7.04 -9.66
CA ILE A 349 -20.10 -7.24 -9.11
C ILE A 349 -20.75 -5.88 -8.74
N GLU A 350 -19.99 -4.99 -8.07
CA GLU A 350 -20.53 -3.64 -7.84
C GLU A 350 -20.75 -2.84 -9.13
N ASP A 351 -20.02 -3.11 -10.17
CA ASP A 351 -20.20 -2.38 -11.42
C ASP A 351 -21.40 -2.90 -12.26
N ASP A 352 -21.88 -4.13 -11.96
CA ASP A 352 -22.89 -4.74 -12.80
C ASP A 352 -24.14 -3.80 -12.87
N PRO A 353 -24.49 -3.35 -14.05
CA PRO A 353 -25.60 -2.38 -14.13
C PRO A 353 -26.98 -3.02 -14.31
N PHE A 354 -27.05 -4.37 -14.33
CA PHE A 354 -28.33 -5.04 -14.51
C PHE A 354 -29.12 -5.24 -13.21
N GLU A 355 -30.42 -4.99 -13.29
CA GLU A 355 -31.38 -5.24 -12.19
C GLU A 355 -31.23 -6.64 -11.54
N ASN A 356 -31.06 -7.65 -12.36
CA ASN A 356 -31.01 -9.06 -11.92
C ASN A 356 -29.59 -9.62 -12.07
N LEU A 357 -28.65 -8.68 -12.26
CA LEU A 357 -27.20 -8.92 -12.12
C LEU A 357 -26.74 -9.99 -13.15
N GLU A 358 -27.13 -9.75 -14.41
CA GLU A 358 -26.67 -10.64 -15.50
C GLU A 358 -25.08 -10.72 -15.58
N ASP A 359 -24.38 -9.60 -15.41
CA ASP A 359 -22.92 -9.65 -15.47
C ASP A 359 -22.35 -10.55 -14.40
N THR A 360 -22.93 -10.52 -13.20
CA THR A 360 -22.49 -11.38 -12.10
C THR A 360 -22.78 -12.84 -12.40
N ASP A 361 -23.90 -13.08 -13.03
CA ASP A 361 -24.27 -14.43 -13.43
C ASP A 361 -23.19 -14.98 -14.34
N ASP A 362 -22.87 -14.20 -15.37
CA ASP A 362 -21.82 -14.63 -16.31
C ASP A 362 -20.46 -14.83 -15.66
N LEU A 363 -20.12 -13.98 -14.73
CA LEU A 363 -18.82 -14.11 -14.04
C LEU A 363 -18.75 -15.42 -13.23
N PHE A 364 -19.77 -15.72 -12.43
CA PHE A 364 -19.71 -16.94 -11.63
C PHE A 364 -19.80 -18.19 -12.55
N LYS A 365 -20.62 -18.14 -13.60
CA LYS A 365 -20.73 -19.33 -14.44
C LYS A 365 -19.43 -19.60 -15.22
N THR A 366 -18.89 -18.57 -15.86
CA THR A 366 -17.69 -18.68 -16.70
C THR A 366 -16.44 -19.00 -15.88
N ASN A 367 -16.24 -18.31 -14.75
CA ASN A 367 -14.96 -18.44 -14.09
C ASN A 367 -14.93 -19.45 -13.00
N LEU A 368 -16.08 -19.74 -12.41
CA LEU A 368 -16.14 -20.66 -11.26
C LEU A 368 -17.03 -21.86 -11.53
N ASN A 369 -17.77 -21.89 -12.64
CA ASN A 369 -18.67 -23.02 -12.89
C ASN A 369 -19.79 -23.13 -11.83
N ILE A 370 -20.29 -22.00 -11.40
CA ILE A 370 -21.29 -21.95 -10.37
C ILE A 370 -22.49 -21.16 -10.97
N GLU A 371 -23.62 -21.87 -11.14
CA GLU A 371 -24.97 -21.30 -11.43
C GLU A 371 -25.58 -20.65 -10.19
N THR A 372 -26.12 -19.45 -10.37
CA THR A 372 -26.63 -18.69 -9.21
C THR A 372 -28.09 -18.38 -9.50
N THR A 373 -28.87 -18.15 -8.43
CA THR A 373 -30.23 -17.59 -8.58
C THR A 373 -30.11 -16.05 -8.50
N VAL A 374 -31.20 -15.36 -8.85
CA VAL A 374 -31.26 -13.92 -8.76
C VAL A 374 -31.05 -13.53 -7.31
N VAL A 375 -31.79 -14.23 -6.40
CA VAL A 375 -31.61 -13.90 -4.99
C VAL A 375 -30.18 -14.09 -4.49
N GLU A 376 -29.51 -15.15 -4.95
CA GLU A 376 -28.11 -15.37 -4.52
C GLU A 376 -27.23 -14.19 -5.06
N ARG A 377 -27.46 -13.74 -6.29
CA ARG A 377 -26.63 -12.62 -6.83
C ARG A 377 -26.90 -11.33 -6.04
N LYS A 378 -28.15 -11.12 -5.55
CA LYS A 378 -28.38 -9.90 -4.68
C LYS A 378 -27.60 -10.00 -3.38
N LEU A 379 -27.55 -11.24 -2.81
CA LEU A 379 -26.75 -11.49 -1.64
C LEU A 379 -25.23 -11.22 -1.90
N ILE A 380 -24.72 -11.71 -3.01
CA ILE A 380 -23.34 -11.54 -3.39
C ILE A 380 -23.00 -10.04 -3.55
N ARG A 381 -23.92 -9.31 -4.17
CA ARG A 381 -23.71 -7.87 -4.40
C ARG A 381 -23.70 -7.16 -3.05
N LYS A 382 -24.64 -7.49 -2.16
CA LYS A 382 -24.61 -6.91 -0.82
C LYS A 382 -23.25 -7.15 -0.08
N LEU A 383 -22.76 -8.41 -0.22
CA LEU A 383 -21.49 -8.83 0.37
C LEU A 383 -20.36 -8.04 -0.18
N ALA A 384 -20.31 -7.83 -1.49
CA ALA A 384 -19.23 -7.02 -2.06
C ALA A 384 -19.31 -5.62 -1.46
N GLU A 385 -20.51 -5.08 -1.37
CA GLU A 385 -20.67 -3.66 -0.89
C GLU A 385 -20.19 -3.60 0.55
N LEU A 386 -20.61 -4.55 1.40
CA LEU A 386 -20.18 -4.56 2.81
C LEU A 386 -18.70 -4.60 3.01
N VAL A 387 -18.04 -5.52 2.30
CA VAL A 387 -16.60 -5.64 2.36
C VAL A 387 -15.82 -4.40 1.93
N GLY A 388 -16.30 -3.77 0.84
CA GLY A 388 -15.64 -2.50 0.30
C GLY A 388 -15.87 -1.35 1.22
N THR A 389 -17.07 -1.24 1.73
CA THR A 389 -17.34 -0.14 2.65
C THR A 389 -16.52 -0.33 3.94
N ARG A 390 -16.44 -1.53 4.53
CA ARG A 390 -15.58 -1.74 5.66
C ARG A 390 -14.17 -1.34 5.31
N ALA A 391 -13.67 -1.77 4.17
CA ALA A 391 -12.28 -1.45 3.85
C ALA A 391 -12.00 0.05 3.82
N ALA A 392 -12.91 0.82 3.19
CA ALA A 392 -12.75 2.25 3.19
C ALA A 392 -12.78 2.90 4.58
N ARG A 393 -13.74 2.51 5.41
CA ARG A 393 -13.90 3.09 6.72
C ARG A 393 -12.78 2.72 7.65
N LEU A 394 -12.28 1.49 7.59
CA LEU A 394 -11.10 1.16 8.40
C LEU A 394 -9.86 1.89 7.82
N THR A 395 -9.66 1.94 6.51
CA THR A 395 -8.39 2.41 5.95
C THR A 395 -8.17 3.89 6.27
N VAL A 396 -9.23 4.68 6.27
CA VAL A 396 -9.01 6.12 6.54
C VAL A 396 -8.70 6.38 8.02
N CYS A 397 -8.84 5.38 8.88
CA CYS A 397 -8.39 5.59 10.27
C CYS A 397 -6.88 5.81 10.32
N GLY A 398 -6.10 5.32 9.36
CA GLY A 398 -4.65 5.64 9.40
C GLY A 398 -4.36 7.09 9.07
N VAL A 399 -5.15 7.59 8.10
CA VAL A 399 -5.05 9.02 7.77
C VAL A 399 -5.48 9.90 8.93
N SER A 400 -6.66 9.58 9.51
CA SER A 400 -7.13 10.39 10.64
C SER A 400 -6.13 10.36 11.82
N ALA A 401 -5.55 9.19 12.08
CA ALA A 401 -4.62 9.00 13.18
C ALA A 401 -3.32 9.90 12.95
N ILE A 402 -2.76 9.85 11.74
CA ILE A 402 -1.53 10.65 11.51
C ILE A 402 -1.84 12.19 11.60
N CYS A 403 -2.96 12.56 10.96
CA CYS A 403 -3.38 13.98 10.99
C CYS A 403 -3.65 14.42 12.41
N ASP A 404 -4.40 13.64 13.22
CA ASP A 404 -4.60 14.05 14.62
C ASP A 404 -3.30 14.08 15.43
N LYS A 405 -2.45 13.07 15.22
CA LYS A 405 -1.18 12.99 15.97
C LYS A 405 -0.32 14.25 15.67
N ARG A 406 -0.22 14.58 14.39
CA ARG A 406 0.64 15.73 14.01
C ARG A 406 -0.06 17.08 14.09
N GLY A 407 -1.34 17.10 14.41
CA GLY A 407 -2.05 18.43 14.50
C GLY A 407 -2.41 19.02 13.12
N TYR A 408 -2.65 18.21 12.10
CA TYR A 408 -3.15 18.69 10.80
C TYR A 408 -4.69 18.71 10.85
N LYS A 409 -5.27 19.91 10.89
CA LYS A 409 -6.72 20.08 10.70
C LYS A 409 -7.11 20.10 9.22
N THR A 410 -6.15 20.36 8.34
CA THR A 410 -6.30 20.40 6.86
C THR A 410 -5.14 19.66 6.25
N ALA A 411 -5.38 19.00 5.12
CA ALA A 411 -4.30 18.26 4.47
C ALA A 411 -4.81 17.81 3.09
N HIS A 412 -3.90 17.82 2.10
CA HIS A 412 -4.06 16.94 0.97
C HIS A 412 -3.33 15.67 1.28
N ILE A 413 -4.06 14.61 1.13
CA ILE A 413 -3.52 13.23 1.38
C ILE A 413 -3.31 12.58 0.00
N ALA A 414 -2.07 12.49 -0.49
CA ALA A 414 -1.86 11.98 -1.83
C ALA A 414 -1.99 10.48 -1.81
N ALA A 415 -2.94 10.02 -2.60
CA ALA A 415 -3.28 8.60 -2.61
C ALA A 415 -3.08 7.93 -3.93
N ASP A 416 -2.57 6.67 -3.86
CA ASP A 416 -2.41 5.87 -5.05
C ASP A 416 -2.77 4.40 -4.74
N GLY A 417 -2.72 3.57 -5.73
CA GLY A 417 -3.01 2.13 -5.56
C GLY A 417 -4.26 1.64 -6.24
N SER A 418 -4.31 0.34 -6.53
CA SER A 418 -5.37 -0.19 -7.36
C SER A 418 -6.76 -0.01 -6.76
N VAL A 419 -6.91 -0.04 -5.42
CA VAL A 419 -8.24 0.10 -4.75
C VAL A 419 -8.68 1.56 -4.78
N PHE A 420 -7.82 2.52 -4.35
CA PHE A 420 -8.22 3.91 -4.47
C PHE A 420 -8.58 4.23 -5.95
N ASN A 421 -7.77 3.80 -6.91
CA ASN A 421 -7.91 4.26 -8.31
C ASN A 421 -9.02 3.57 -9.04
N ARG A 422 -9.30 2.30 -8.75
CA ARG A 422 -10.14 1.43 -9.60
C ARG A 422 -11.36 0.84 -8.87
N TYR A 423 -11.38 0.77 -7.54
CA TYR A 423 -12.53 0.06 -6.89
C TYR A 423 -13.78 0.96 -6.96
N PRO A 424 -14.88 0.48 -7.52
CA PRO A 424 -16.08 1.29 -7.76
C PRO A 424 -16.53 1.99 -6.51
N GLY A 425 -16.63 3.32 -6.53
CA GLY A 425 -17.20 4.09 -5.45
C GLY A 425 -16.32 4.34 -4.25
N TYR A 426 -15.09 3.85 -4.31
CA TYR A 426 -14.24 3.80 -3.15
C TYR A 426 -13.89 5.21 -2.71
N LYS A 427 -13.57 6.13 -3.62
CA LYS A 427 -13.11 7.47 -3.22
C LYS A 427 -14.26 8.16 -2.48
N GLU A 428 -15.51 8.02 -2.96
CA GLU A 428 -16.63 8.58 -2.27
C GLU A 428 -16.83 8.03 -0.87
N LYS A 429 -16.68 6.70 -0.70
CA LYS A 429 -16.82 6.13 0.66
C LYS A 429 -15.73 6.59 1.59
N ALA A 430 -14.48 6.68 1.08
CA ALA A 430 -13.38 7.13 1.93
C ALA A 430 -13.60 8.55 2.34
N ALA A 431 -14.07 9.41 1.43
CA ALA A 431 -14.32 10.82 1.81
C ALA A 431 -15.49 10.94 2.81
N GLN A 432 -16.53 10.17 2.63
CA GLN A 432 -17.67 10.10 3.57
C GLN A 432 -17.22 9.63 4.95
N ALA A 433 -16.27 8.65 5.01
CA ALA A 433 -15.83 8.12 6.28
C ALA A 433 -15.04 9.20 7.02
N LEU A 434 -14.21 9.99 6.31
CA LEU A 434 -13.53 11.10 7.02
C LEU A 434 -14.53 12.13 7.44
N LYS A 435 -15.50 12.49 6.58
CA LYS A 435 -16.60 13.41 6.97
C LYS A 435 -17.30 12.91 8.23
N ASP A 436 -17.55 11.62 8.30
CA ASP A 436 -18.20 11.05 9.49
C ASP A 436 -17.33 11.10 10.73
N ILE A 437 -16.03 10.86 10.61
CA ILE A 437 -15.08 11.00 11.78
C ILE A 437 -15.10 12.40 12.37
N TYR A 438 -15.03 13.39 11.48
CA TYR A 438 -14.87 14.76 11.93
C TYR A 438 -16.18 15.55 12.04
N ASN A 439 -17.32 14.98 11.57
CA ASN A 439 -18.62 15.66 11.64
C ASN A 439 -18.64 17.00 10.84
N TRP A 440 -17.93 17.04 9.72
CA TRP A 440 -18.03 18.24 8.86
C TRP A 440 -19.40 18.37 8.23
N ASP A 441 -19.73 19.57 7.82
CA ASP A 441 -20.98 19.94 7.09
C ASP A 441 -20.79 20.08 5.61
N VAL A 442 -19.56 19.88 5.18
CA VAL A 442 -19.15 20.23 3.85
C VAL A 442 -20.02 19.40 2.86
N GLU A 443 -20.33 19.96 1.69
CA GLU A 443 -21.15 19.19 0.78
C GLU A 443 -20.40 18.42 -0.29
N LYS A 444 -19.32 18.96 -0.84
CA LYS A 444 -18.60 18.39 -1.98
C LYS A 444 -17.29 17.85 -1.52
N MET A 445 -16.93 16.69 -2.07
CA MET A 445 -15.65 16.02 -1.72
C MET A 445 -14.39 16.92 -1.80
N GLU A 446 -14.40 17.81 -2.78
CA GLU A 446 -13.22 18.62 -3.13
C GLU A 446 -13.05 19.68 -2.02
N ASP A 447 -14.03 19.86 -1.14
CA ASP A 447 -13.97 20.91 -0.07
C ASP A 447 -13.65 20.27 1.31
N HIS A 448 -13.42 18.95 1.38
CA HIS A 448 -13.11 18.36 2.68
C HIS A 448 -11.84 18.95 3.23
N PRO A 449 -11.80 19.30 4.52
CA PRO A 449 -10.52 19.88 5.04
C PRO A 449 -9.32 18.85 4.96
N ILE A 450 -9.57 17.59 5.29
CA ILE A 450 -8.60 16.51 5.05
C ILE A 450 -9.18 15.69 3.91
N GLN A 451 -8.51 15.71 2.74
CA GLN A 451 -9.08 15.05 1.55
C GLN A 451 -8.00 14.23 0.79
N LEU A 452 -8.39 13.09 0.28
CA LEU A 452 -7.53 12.24 -0.55
C LEU A 452 -7.59 12.84 -1.94
N VAL A 453 -6.38 12.96 -2.53
CA VAL A 453 -6.26 13.48 -3.90
C VAL A 453 -5.36 12.55 -4.67
N ALA A 454 -5.52 12.51 -5.97
CA ALA A 454 -4.67 11.59 -6.75
C ALA A 454 -3.19 12.00 -6.57
N ALA A 455 -2.38 10.99 -6.25
CA ALA A 455 -0.93 11.22 -6.09
C ALA A 455 -0.24 11.36 -7.48
N GLU A 456 0.97 11.92 -7.36
CA GLU A 456 1.98 11.74 -8.40
C GLU A 456 2.57 10.31 -8.26
N ASP A 457 3.33 9.89 -9.28
CA ASP A 457 3.93 8.49 -9.26
C ASP A 457 5.05 8.37 -8.24
N GLY A 458 4.74 7.78 -7.12
CA GLY A 458 5.71 7.80 -6.05
C GLY A 458 6.82 6.81 -6.28
N SER A 459 6.52 5.66 -6.93
CA SER A 459 7.58 4.65 -7.06
C SER A 459 8.57 4.97 -8.18
N GLY A 460 8.20 5.90 -9.07
CA GLY A 460 8.97 6.30 -10.23
C GLY A 460 9.51 7.70 -10.00
N VAL A 461 8.67 8.72 -10.22
CA VAL A 461 9.07 10.15 -10.04
C VAL A 461 9.55 10.34 -8.56
N GLY A 462 8.89 9.76 -7.56
CA GLY A 462 9.33 9.98 -6.15
C GLY A 462 10.69 9.39 -5.90
N ALA A 463 10.99 8.22 -6.43
CA ALA A 463 12.34 7.65 -6.21
C ALA A 463 13.36 8.52 -6.92
N ALA A 464 13.03 9.01 -8.12
CA ALA A 464 13.96 9.91 -8.76
C ALA A 464 14.18 11.21 -7.97
N ILE A 465 13.14 11.88 -7.45
CA ILE A 465 13.39 13.10 -6.64
C ILE A 465 14.21 12.76 -5.39
N ILE A 466 13.96 11.63 -4.77
CA ILE A 466 14.71 11.31 -3.53
C ILE A 466 16.14 11.01 -3.91
N ALA A 467 16.41 10.37 -5.03
CA ALA A 467 17.78 10.16 -5.51
C ALA A 467 18.44 11.54 -5.74
N CYS A 468 17.72 12.50 -6.32
CA CYS A 468 18.24 13.79 -6.59
C CYS A 468 18.60 14.55 -5.29
N LEU A 469 17.69 14.54 -4.31
CA LEU A 469 17.90 15.23 -3.03
C LEU A 469 19.08 14.57 -2.31
N THR A 470 19.18 13.24 -2.41
CA THR A 470 20.25 12.48 -1.72
C THR A 470 21.63 12.81 -2.33
N GLN A 471 21.67 12.84 -3.64
CA GLN A 471 22.94 13.15 -4.32
C GLN A 471 23.38 14.57 -3.97
N LYS A 472 22.48 15.51 -3.89
CA LYS A 472 22.80 16.89 -3.52
C LYS A 472 23.35 17.01 -2.07
N ARG A 473 22.71 16.24 -1.13
CA ARG A 473 23.23 16.11 0.22
C ARG A 473 24.62 15.56 0.22
N LEU A 474 24.89 14.47 -0.51
CA LEU A 474 26.21 13.86 -0.47
C LEU A 474 27.29 14.79 -1.10
N ALA A 475 26.93 15.53 -2.15
CA ALA A 475 27.85 16.51 -2.80
C ALA A 475 28.18 17.70 -1.86
N ALA A 476 27.25 17.99 -0.96
CA ALA A 476 27.37 19.01 0.05
C ALA A 476 28.05 18.51 1.36
N GLY A 477 28.34 17.20 1.43
CA GLY A 477 28.99 16.56 2.62
C GLY A 477 27.96 16.36 3.77
N LYS A 478 26.63 16.42 3.52
CA LYS A 478 25.60 16.36 4.57
C LYS A 478 25.22 14.90 4.75
N SER A 479 24.67 14.53 5.91
CA SER A 479 24.38 13.15 6.21
C SER A 479 23.10 12.64 5.64
N VAL A 480 23.10 11.34 5.29
CA VAL A 480 21.89 10.61 4.89
C VAL A 480 21.74 9.27 5.64
N GLY A 481 22.19 9.23 6.87
CA GLY A 481 22.06 8.02 7.71
C GLY A 481 22.53 8.32 9.11
N ILE A 482 22.48 7.33 10.00
CA ILE A 482 22.90 7.59 11.40
C ILE A 482 24.36 7.89 11.51
N LYS A 483 24.75 8.41 12.67
CA LYS A 483 26.18 8.71 12.77
C LYS A 483 27.03 7.43 12.72
N GLY A 484 28.20 7.53 12.07
CA GLY A 484 29.07 6.39 11.76
C GLY A 484 28.77 5.61 10.47
N GLU A 485 27.67 5.97 9.81
CA GLU A 485 27.31 5.51 8.45
C GLU A 485 27.94 6.38 7.36
#